data_8HH0
#
_entry.id   8HH0
#
_cell.length_a   61.090
_cell.length_b   61.090
_cell.length_c   236.919
_cell.angle_alpha   90.000
_cell.angle_beta   90.000
_cell.angle_gamma   90.000
#
_symmetry.space_group_name_H-M   'P 41 21 2'
#
loop_
_entity.id
_entity.type
_entity.pdbx_description
1 polymer Peroxiredoxin
2 non-polymer 1-naphthalen-2-ylethanone
3 water water
#
_entity_poly.entity_id   1
_entity_poly.type   'polypeptide(L)'
_entity_poly.pdbx_seq_one_letter_code
;MVVIGEKFPEVEVKTTHGVIKLPDYFAEQGKWFVLFSHPADCTPVSTTEFYAMQKRVDQFRELGVEPIGLSVDQVFSHIK
WMEWIKENLGEEITFPVIADDRGELADKLGMIPSGATITARAVFIVDDKGIIRAIVYYPAEVGRDWDEILRLVKALKVSD
EKGVALPHKWPNNELIGDKAIVPPASTVDEVKQREEAKAKGEIESYDWWFSYKKLE
;
_entity_poly.pdbx_strand_id   A,B
#
loop_
_chem_comp.id
_chem_comp.type
_chem_comp.name
_chem_comp.formula
FL3 non-polymer 1-naphthalen-2-ylethanone 'C12 H10 O'
#
# COMPACT_ATOMS: atom_id res chain seq x y z
N VAL A 2 -5.23 15.18 -0.58
CA VAL A 2 -5.25 14.60 -1.97
C VAL A 2 -5.83 13.19 -1.90
N VAL A 3 -6.61 12.79 -2.89
CA VAL A 3 -7.18 11.42 -3.01
C VAL A 3 -6.90 10.88 -4.42
N ILE A 4 -7.22 9.62 -4.63
CA ILE A 4 -7.17 8.98 -5.97
C ILE A 4 -8.12 9.78 -6.88
N GLY A 5 -7.75 9.92 -8.16
CA GLY A 5 -8.53 10.65 -9.18
C GLY A 5 -8.20 12.13 -9.25
N GLU A 6 -7.56 12.71 -8.23
CA GLU A 6 -7.22 14.16 -8.22
C GLU A 6 -5.92 14.38 -9.00
N LYS A 7 -5.78 15.52 -9.67
CA LYS A 7 -4.54 15.89 -10.39
C LYS A 7 -3.45 16.05 -9.33
N PHE A 8 -2.26 15.51 -9.55
CA PHE A 8 -1.06 15.84 -8.72
C PHE A 8 -0.91 17.36 -8.73
N PRO A 9 -0.65 18.01 -7.57
CA PRO A 9 -0.47 19.47 -7.55
C PRO A 9 0.73 19.93 -8.37
N GLU A 10 0.55 20.98 -9.16
CA GLU A 10 1.62 21.73 -9.89
C GLU A 10 2.59 22.27 -8.85
N VAL A 11 3.83 21.80 -8.83
CA VAL A 11 4.78 22.20 -7.76
C VAL A 11 6.19 22.17 -8.35
N GLU A 12 7.04 23.12 -7.96
CA GLU A 12 8.47 23.13 -8.35
C GLU A 12 9.22 22.40 -7.24
N VAL A 13 10.06 21.43 -7.56
CA VAL A 13 10.78 20.69 -6.48
C VAL A 13 12.27 20.75 -6.76
N LYS A 14 13.06 20.98 -5.71
CA LYS A 14 14.54 20.87 -5.72
C LYS A 14 14.95 19.39 -5.60
N THR A 15 15.82 18.91 -6.50
CA THR A 15 16.24 17.49 -6.56
C THR A 15 17.74 17.36 -6.84
N THR A 16 18.26 16.16 -6.61
CA THR A 16 19.67 15.77 -6.87
C THR A 16 19.99 15.81 -8.38
N HIS A 17 18.96 15.97 -9.23
CA HIS A 17 19.05 16.18 -10.70
C HIS A 17 18.63 17.62 -11.05
N GLY A 18 18.71 18.55 -10.08
CA GLY A 18 18.32 19.96 -10.24
C GLY A 18 16.85 20.18 -9.93
N VAL A 19 16.33 21.34 -10.33
CA VAL A 19 14.92 21.78 -10.13
C VAL A 19 14.07 21.08 -11.20
N ILE A 20 12.85 20.64 -10.85
CA ILE A 20 11.93 20.05 -11.86
C ILE A 20 10.50 20.41 -11.48
N LYS A 21 9.64 20.53 -12.50
CA LYS A 21 8.21 20.88 -12.37
C LYS A 21 7.41 19.56 -12.38
N LEU A 22 6.80 19.19 -11.26
CA LEU A 22 5.82 18.07 -11.20
C LEU A 22 4.41 18.62 -11.44
N PRO A 23 3.50 17.81 -12.04
CA PRO A 23 3.88 16.54 -12.66
C PRO A 23 4.52 16.67 -14.05
N ASP A 24 4.60 17.91 -14.55
CA ASP A 24 4.79 18.23 -16.00
C ASP A 24 6.04 17.54 -16.56
N TYR A 25 7.13 17.54 -15.79
CA TYR A 25 8.45 17.05 -16.25
C TYR A 25 8.28 15.64 -16.80
N PHE A 26 7.38 14.86 -16.21
CA PHE A 26 7.17 13.42 -16.55
C PHE A 26 5.99 13.30 -17.54
N ALA A 27 4.87 13.93 -17.22
CA ALA A 27 3.62 13.94 -18.04
C ALA A 27 3.94 14.37 -19.48
N GLU A 28 4.77 15.41 -19.67
CA GLU A 28 5.13 15.99 -21.01
C GLU A 28 5.95 15.00 -21.84
N GLN A 29 6.64 14.04 -21.20
CA GLN A 29 7.41 12.96 -21.91
C GLN A 29 6.49 11.75 -22.08
N GLY A 30 5.23 11.85 -21.66
CA GLY A 30 4.27 10.74 -21.63
C GLY A 30 4.68 9.69 -20.61
N LYS A 31 5.31 10.12 -19.51
CA LYS A 31 5.83 9.21 -18.46
C LYS A 31 4.91 9.25 -17.24
N TRP A 32 4.69 8.10 -16.62
CA TRP A 32 4.20 8.01 -15.23
C TRP A 32 5.39 8.28 -14.28
N PHE A 33 5.12 8.60 -13.01
CA PHE A 33 6.16 8.54 -11.96
C PHE A 33 5.60 7.83 -10.74
N VAL A 34 6.49 7.13 -10.03
CA VAL A 34 6.27 6.64 -8.64
C VAL A 34 7.08 7.55 -7.72
N LEU A 35 6.36 8.40 -6.98
CA LEU A 35 6.88 9.34 -5.96
C LEU A 35 6.88 8.58 -4.64
N PHE A 36 8.01 8.53 -3.93
CA PHE A 36 8.09 7.78 -2.66
C PHE A 36 8.95 8.54 -1.66
N SER A 37 8.43 8.67 -0.44
CA SER A 37 9.08 9.34 0.71
C SER A 37 9.84 8.31 1.55
N HIS A 38 10.93 8.72 2.19
CA HIS A 38 11.51 8.06 3.39
C HIS A 38 11.70 9.10 4.49
N PRO A 39 11.71 8.69 5.79
CA PRO A 39 11.78 9.65 6.89
C PRO A 39 13.05 10.50 6.87
N ALA A 40 14.23 9.85 6.84
CA ALA A 40 15.55 10.51 6.93
C ALA A 40 16.61 9.72 6.14
N ASP A 41 17.47 10.44 5.40
CA ASP A 41 18.70 9.93 4.74
C ASP A 41 19.53 9.18 5.79
N CYS A 42 20.37 8.26 5.34
CA CYS A 42 21.37 7.54 6.19
C CYS A 42 20.64 6.80 7.32
N THR A 43 19.47 6.23 7.03
CA THR A 43 18.82 5.26 7.94
C THR A 43 18.91 3.91 7.26
N PRO A 44 18.91 2.81 8.05
CA PRO A 44 19.13 1.48 7.50
C PRO A 44 17.94 0.96 6.69
N VAL A 45 16.71 1.07 7.19
CA VAL A 45 15.53 0.62 6.39
C VAL A 45 15.49 1.42 5.08
N SER A 46 15.50 2.75 5.16
CA SER A 46 15.44 3.64 3.98
C SER A 46 16.58 3.25 3.03
N THR A 47 17.75 2.90 3.58
CA THR A 47 18.92 2.49 2.76
C THR A 47 18.62 1.19 2.00
N THR A 48 18.02 0.18 2.62
CA THR A 48 17.66 -1.08 1.91
C THR A 48 16.61 -0.77 0.85
N GLU A 49 15.72 0.20 1.12
CA GLU A 49 14.67 0.58 0.14
C GLU A 49 15.35 1.16 -1.09
N PHE A 50 16.36 2.02 -0.90
CA PHE A 50 17.07 2.70 -2.02
C PHE A 50 17.82 1.66 -2.85
N TYR A 51 18.58 0.79 -2.19
CA TYR A 51 19.23 -0.39 -2.81
C TYR A 51 18.20 -1.12 -3.69
N ALA A 52 17.11 -1.58 -3.06
CA ALA A 52 16.06 -2.40 -3.71
C ALA A 52 15.46 -1.65 -4.93
N MET A 53 15.15 -0.36 -4.83
CA MET A 53 14.53 0.43 -5.93
C MET A 53 15.50 0.54 -7.11
N GLN A 54 16.78 0.87 -6.83
CA GLN A 54 17.84 0.96 -7.88
C GLN A 54 17.86 -0.36 -8.65
N LYS A 55 17.91 -1.49 -7.92
CA LYS A 55 17.94 -2.87 -8.49
C LYS A 55 16.69 -3.10 -9.35
N ARG A 56 15.65 -2.27 -9.21
CA ARG A 56 14.42 -2.42 -10.03
C ARG A 56 14.22 -1.20 -10.92
N VAL A 57 15.20 -0.29 -11.00
CA VAL A 57 14.92 1.04 -11.61
C VAL A 57 14.47 0.79 -13.06
N ASP A 58 15.03 -0.24 -13.71
CA ASP A 58 14.84 -0.52 -15.16
C ASP A 58 13.58 -1.34 -15.39
N GLN A 59 13.04 -1.99 -14.37
CA GLN A 59 11.75 -2.73 -14.45
C GLN A 59 10.61 -1.69 -14.48
N PHE A 60 10.74 -0.61 -13.70
CA PHE A 60 9.83 0.57 -13.72
C PHE A 60 9.96 1.33 -15.05
N ARG A 61 11.18 1.68 -15.45
CA ARG A 61 11.42 2.58 -16.60
C ARG A 61 11.03 1.87 -17.90
N GLU A 62 11.35 0.59 -18.03
CA GLU A 62 10.87 -0.32 -19.11
C GLU A 62 9.39 -0.02 -19.40
N LEU A 63 8.56 0.17 -18.36
CA LEU A 63 7.06 0.35 -18.45
C LEU A 63 6.65 1.82 -18.68
N GLY A 64 7.59 2.78 -18.66
CA GLY A 64 7.30 4.21 -18.78
C GLY A 64 6.98 4.87 -17.44
N VAL A 65 7.39 4.24 -16.34
CA VAL A 65 7.25 4.76 -14.95
C VAL A 65 8.64 5.16 -14.41
N GLU A 66 8.78 6.40 -13.95
CA GLU A 66 10.07 6.95 -13.46
C GLU A 66 10.02 7.04 -11.94
N PRO A 67 10.87 6.30 -11.20
CA PRO A 67 11.01 6.54 -9.76
C PRO A 67 11.57 7.92 -9.46
N ILE A 68 11.05 8.49 -8.38
CA ILE A 68 11.53 9.77 -7.81
C ILE A 68 11.29 9.71 -6.30
N GLY A 69 12.36 9.92 -5.53
CA GLY A 69 12.34 9.84 -4.06
C GLY A 69 12.14 11.19 -3.44
N LEU A 70 11.97 11.20 -2.11
CA LEU A 70 11.72 12.44 -1.32
C LEU A 70 12.01 12.17 0.17
N SER A 71 12.67 13.13 0.82
CA SER A 71 12.66 13.38 2.28
C SER A 71 12.73 14.90 2.50
N VAL A 72 12.58 15.34 3.74
CA VAL A 72 12.68 16.77 4.14
C VAL A 72 14.15 17.11 4.42
N ASP A 73 15.09 16.17 4.17
CA ASP A 73 16.54 16.46 4.32
C ASP A 73 16.97 17.35 3.16
N GLN A 74 18.12 18.01 3.28
CA GLN A 74 18.63 18.91 2.21
C GLN A 74 19.40 18.11 1.16
N VAL A 75 19.70 18.75 0.03
CA VAL A 75 20.28 18.03 -1.14
C VAL A 75 21.71 17.54 -0.82
N PHE A 76 22.46 18.20 0.07
CA PHE A 76 23.85 17.77 0.45
C PHE A 76 23.78 16.39 1.14
N SER A 77 22.82 16.23 2.05
CA SER A 77 22.49 14.95 2.74
C SER A 77 22.24 13.84 1.71
N HIS A 78 21.38 14.08 0.72
CA HIS A 78 21.04 13.10 -0.35
C HIS A 78 22.32 12.58 -1.03
N ILE A 79 23.17 13.51 -1.51
CA ILE A 79 24.46 13.23 -2.23
C ILE A 79 25.38 12.38 -1.35
N LYS A 80 25.68 12.82 -0.13
CA LYS A 80 26.57 12.09 0.80
C LYS A 80 26.06 10.66 1.00
N TRP A 81 24.77 10.52 1.23
CA TRP A 81 24.09 9.22 1.44
C TRP A 81 24.17 8.34 0.18
N MET A 82 23.98 8.90 -1.00
CA MET A 82 24.01 8.07 -2.24
C MET A 82 25.41 7.54 -2.49
N GLU A 83 26.43 8.40 -2.28
CA GLU A 83 27.88 8.08 -2.31
C GLU A 83 28.16 6.91 -1.34
N TRP A 84 27.49 6.88 -0.19
CA TRP A 84 27.60 5.77 0.79
C TRP A 84 27.03 4.48 0.19
N ILE A 85 25.91 4.56 -0.53
CA ILE A 85 25.27 3.36 -1.16
C ILE A 85 26.19 2.85 -2.27
N LYS A 86 26.83 3.74 -3.03
CA LYS A 86 27.71 3.32 -4.16
C LYS A 86 28.99 2.68 -3.59
N GLU A 87 29.65 3.30 -2.61
CA GLU A 87 30.94 2.82 -2.07
C GLU A 87 30.74 1.52 -1.31
N ASN A 88 29.65 1.39 -0.54
CA ASN A 88 29.43 0.29 0.45
C ASN A 88 28.56 -0.84 -0.12
N LEU A 89 27.59 -0.54 -1.00
CA LEU A 89 26.63 -1.53 -1.57
C LEU A 89 26.83 -1.69 -3.09
N GLY A 90 27.65 -0.85 -3.73
CA GLY A 90 28.05 -1.04 -5.14
C GLY A 90 26.98 -0.61 -6.13
N GLU A 91 25.89 -0.01 -5.67
CA GLU A 91 24.78 0.46 -6.57
C GLU A 91 24.79 1.98 -6.63
N GLU A 92 25.03 2.53 -7.82
CA GLU A 92 24.90 3.97 -8.08
C GLU A 92 23.42 4.31 -8.21
N ILE A 93 22.94 5.28 -7.44
CA ILE A 93 21.52 5.75 -7.54
C ILE A 93 21.37 6.60 -8.81
N THR A 94 20.48 6.23 -9.74
CA THR A 94 20.29 6.96 -11.02
C THR A 94 18.91 7.62 -11.09
N PHE A 95 18.10 7.56 -10.04
CA PHE A 95 16.77 8.24 -9.99
C PHE A 95 16.93 9.49 -9.14
N PRO A 96 16.19 10.57 -9.46
CA PRO A 96 16.29 11.81 -8.70
C PRO A 96 15.67 11.66 -7.30
N VAL A 97 16.10 12.50 -6.38
CA VAL A 97 15.50 12.55 -5.00
C VAL A 97 15.22 14.00 -4.64
N ILE A 98 14.02 14.27 -4.14
CA ILE A 98 13.52 15.63 -3.81
C ILE A 98 14.01 16.02 -2.41
N ALA A 99 14.54 17.24 -2.28
CA ALA A 99 14.86 17.88 -0.99
C ALA A 99 13.66 18.74 -0.60
N ASP A 100 12.67 18.12 0.05
CA ASP A 100 11.45 18.82 0.50
C ASP A 100 11.77 19.49 1.84
N ASP A 101 12.76 20.39 1.84
CA ASP A 101 13.54 20.77 3.05
C ASP A 101 12.78 21.81 3.86
N ARG A 102 11.63 22.28 3.39
CA ARG A 102 10.69 23.07 4.22
C ARG A 102 9.44 22.25 4.52
N GLY A 103 9.42 20.98 4.12
CA GLY A 103 8.27 20.07 4.29
C GLY A 103 7.01 20.49 3.55
N GLU A 104 7.11 21.26 2.46
CA GLU A 104 5.91 21.86 1.80
C GLU A 104 5.17 20.81 0.98
N LEU A 105 5.86 20.09 0.10
CA LEU A 105 5.20 19.05 -0.73
C LEU A 105 4.65 17.95 0.20
N ALA A 106 5.48 17.44 1.11
CA ALA A 106 5.15 16.39 2.11
C ALA A 106 3.80 16.71 2.74
N ASP A 107 3.67 17.96 3.17
CA ASP A 107 2.47 18.48 3.86
C ASP A 107 1.23 18.42 2.95
N LYS A 108 1.33 18.91 1.71
CA LYS A 108 0.24 18.82 0.69
C LYS A 108 -0.18 17.35 0.48
N LEU A 109 0.74 16.38 0.58
CA LEU A 109 0.43 14.98 0.20
C LEU A 109 0.20 14.11 1.45
N GLY A 110 -0.04 14.73 2.62
CA GLY A 110 -0.32 14.00 3.88
C GLY A 110 0.80 13.03 4.28
N MET A 111 2.05 13.33 3.95
CA MET A 111 3.16 12.36 4.12
C MET A 111 3.69 12.40 5.55
N ILE A 112 3.24 13.35 6.36
CA ILE A 112 3.78 13.57 7.74
C ILE A 112 2.83 12.94 8.75
N PRO A 113 3.30 11.90 9.48
CA PRO A 113 2.50 11.30 10.54
C PRO A 113 2.27 12.25 11.72
N SER A 114 1.34 11.84 12.57
CA SER A 114 0.88 12.52 13.80
C SER A 114 2.07 12.93 14.66
N GLY A 115 2.19 14.21 15.00
CA GLY A 115 3.17 14.73 15.96
C GLY A 115 4.58 14.82 15.41
N ALA A 116 4.79 14.51 14.14
CA ALA A 116 6.13 14.38 13.53
C ALA A 116 6.44 15.60 12.67
N THR A 117 7.69 15.72 12.25
CA THR A 117 8.15 16.82 11.36
C THR A 117 8.84 16.25 10.12
N ILE A 118 8.92 14.94 10.01
CA ILE A 118 9.53 14.24 8.84
C ILE A 118 8.46 13.37 8.19
N THR A 119 8.68 12.90 6.98
CA THR A 119 7.70 12.03 6.30
C THR A 119 7.79 10.60 6.84
N ALA A 120 6.74 9.83 6.55
CA ALA A 120 6.69 8.36 6.68
C ALA A 120 7.16 7.77 5.34
N ARG A 121 6.70 6.55 5.05
CA ARG A 121 7.09 5.79 3.86
C ARG A 121 5.93 5.84 2.88
N ALA A 122 5.73 7.01 2.26
CA ALA A 122 4.61 7.30 1.34
C ALA A 122 4.94 6.79 -0.07
N VAL A 123 3.91 6.44 -0.84
CA VAL A 123 4.04 6.09 -2.28
C VAL A 123 2.82 6.66 -3.04
N PHE A 124 3.09 7.42 -4.10
CA PHE A 124 2.09 7.97 -5.04
C PHE A 124 2.38 7.43 -6.44
N ILE A 125 1.44 6.73 -7.07
CA ILE A 125 1.52 6.51 -8.53
C ILE A 125 0.78 7.63 -9.24
N VAL A 126 1.44 8.29 -10.20
CA VAL A 126 0.85 9.42 -10.98
C VAL A 126 1.04 9.09 -12.46
N ASP A 127 -0.03 9.15 -13.26
CA ASP A 127 -0.01 8.79 -14.71
C ASP A 127 0.42 10.01 -15.55
N ASP A 128 0.49 9.84 -16.88
CA ASP A 128 0.94 10.89 -17.83
C ASP A 128 -0.09 12.01 -17.95
N LYS A 129 -1.27 11.90 -17.32
CA LYS A 129 -2.30 12.99 -17.24
C LYS A 129 -2.23 13.71 -15.89
N GLY A 130 -1.25 13.37 -15.05
CA GLY A 130 -1.09 14.02 -13.74
C GLY A 130 -2.11 13.53 -12.74
N ILE A 131 -2.75 12.38 -13.01
CA ILE A 131 -3.82 11.86 -12.12
C ILE A 131 -3.17 10.90 -11.12
N ILE A 132 -3.48 11.10 -9.84
CA ILE A 132 -3.08 10.19 -8.74
C ILE A 132 -3.94 8.94 -8.85
N ARG A 133 -3.31 7.80 -9.13
CA ARG A 133 -3.94 6.48 -9.43
C ARG A 133 -3.92 5.56 -8.21
N ALA A 134 -3.02 5.82 -7.25
CA ALA A 134 -2.89 5.01 -6.02
C ALA A 134 -1.95 5.72 -5.03
N ILE A 135 -2.20 5.50 -3.74
CA ILE A 135 -1.44 6.10 -2.62
C ILE A 135 -1.16 5.01 -1.59
N VAL A 136 0.07 4.94 -1.09
CA VAL A 136 0.45 4.07 0.04
C VAL A 136 1.12 4.90 1.14
N TYR A 137 0.70 4.67 2.38
CA TYR A 137 1.33 5.19 3.62
C TYR A 137 1.79 4.03 4.52
N TYR A 138 3.10 3.77 4.54
CA TYR A 138 3.75 2.83 5.51
C TYR A 138 4.52 3.65 6.53
N PRO A 139 4.71 3.11 7.76
CA PRO A 139 5.35 3.87 8.84
C PRO A 139 6.88 3.69 8.75
N ALA A 140 7.61 4.48 9.53
CA ALA A 140 9.08 4.42 9.63
C ALA A 140 9.54 2.96 9.89
N GLU A 141 8.91 2.26 10.85
CA GLU A 141 9.37 0.93 11.34
C GLU A 141 9.21 -0.19 10.30
N VAL A 142 8.44 -0.03 9.20
CA VAL A 142 8.21 -1.13 8.22
C VAL A 142 8.54 -0.67 6.78
N GLY A 143 9.55 -1.31 6.20
CA GLY A 143 9.96 -1.15 4.80
C GLY A 143 8.90 -1.70 3.86
N ARG A 144 8.76 -1.03 2.72
CA ARG A 144 7.83 -1.43 1.66
C ARG A 144 8.37 -2.71 1.02
N ASP A 145 7.63 -3.23 0.04
CA ASP A 145 8.11 -4.24 -0.93
C ASP A 145 7.82 -3.64 -2.29
N TRP A 146 8.88 -3.34 -3.04
CA TRP A 146 8.79 -2.68 -4.37
C TRP A 146 8.18 -3.64 -5.39
N ASP A 147 8.15 -4.95 -5.12
CA ASP A 147 7.55 -5.95 -6.05
C ASP A 147 6.03 -5.78 -6.07
N GLU A 148 5.40 -5.42 -4.96
CA GLU A 148 3.95 -5.11 -4.92
C GLU A 148 3.64 -3.81 -5.66
N ILE A 149 4.46 -2.78 -5.49
CA ILE A 149 4.29 -1.50 -6.26
C ILE A 149 4.53 -1.80 -7.75
N LEU A 150 5.45 -2.71 -8.08
CA LEU A 150 5.70 -3.09 -9.49
C LEU A 150 4.44 -3.76 -10.07
N ARG A 151 3.79 -4.62 -9.29
CA ARG A 151 2.58 -5.38 -9.69
C ARG A 151 1.45 -4.37 -9.93
N LEU A 152 1.29 -3.42 -9.00
CA LEU A 152 0.26 -2.34 -9.00
C LEU A 152 0.34 -1.53 -10.29
N VAL A 153 1.53 -1.04 -10.67
CA VAL A 153 1.74 -0.19 -11.88
C VAL A 153 1.52 -1.01 -13.15
N LYS A 154 1.94 -2.28 -13.16
CA LYS A 154 1.69 -3.21 -14.30
C LYS A 154 0.17 -3.35 -14.45
N ALA A 155 -0.54 -3.62 -13.35
CA ALA A 155 -2.02 -3.73 -13.31
C ALA A 155 -2.63 -2.43 -13.84
N LEU A 156 -2.19 -1.28 -13.33
CA LEU A 156 -2.78 0.01 -13.72
C LEU A 156 -2.57 0.18 -15.22
N LYS A 157 -1.34 0.00 -15.72
CA LYS A 157 -1.07 0.22 -17.17
C LYS A 157 -1.93 -0.72 -18.04
N VAL A 158 -2.09 -1.99 -17.64
CA VAL A 158 -2.87 -3.01 -18.42
C VAL A 158 -4.36 -2.65 -18.37
N SER A 159 -4.84 -2.12 -17.23
CA SER A 159 -6.24 -1.63 -17.01
C SER A 159 -6.58 -0.53 -18.02
N ASP A 160 -5.69 0.45 -18.14
CA ASP A 160 -5.82 1.58 -19.10
C ASP A 160 -5.84 1.01 -20.52
N GLU A 161 -4.84 0.20 -20.90
CA GLU A 161 -4.58 -0.27 -22.30
C GLU A 161 -5.69 -1.19 -22.83
N LYS A 162 -6.34 -2.00 -21.99
CA LYS A 162 -7.26 -3.09 -22.42
C LYS A 162 -8.62 -3.02 -21.70
N GLY A 163 -8.92 -1.92 -20.97
CA GLY A 163 -10.23 -1.65 -20.37
C GLY A 163 -10.72 -2.79 -19.51
N VAL A 164 -9.84 -3.36 -18.69
CA VAL A 164 -10.16 -4.47 -17.75
C VAL A 164 -9.91 -3.96 -16.32
N ALA A 165 -10.48 -4.67 -15.35
CA ALA A 165 -10.14 -4.55 -13.93
C ALA A 165 -9.36 -5.81 -13.58
N LEU A 166 -8.42 -5.74 -12.61
CA LEU A 166 -7.47 -6.86 -12.28
C LEU A 166 -7.86 -7.45 -10.93
N PRO A 167 -8.06 -8.77 -10.85
CA PRO A 167 -8.48 -9.40 -9.60
C PRO A 167 -7.37 -9.39 -8.53
N HIS A 168 -7.75 -9.81 -7.31
CA HIS A 168 -6.83 -10.03 -6.17
C HIS A 168 -5.56 -10.75 -6.64
N LYS A 169 -4.38 -10.17 -6.39
CA LYS A 169 -3.04 -10.79 -6.59
C LYS A 169 -2.81 -11.09 -8.07
N TRP A 170 -3.45 -10.35 -8.98
CA TRP A 170 -3.19 -10.48 -10.42
C TRP A 170 -1.70 -10.24 -10.63
N PRO A 171 -0.96 -11.02 -11.47
CA PRO A 171 -1.48 -12.14 -12.26
C PRO A 171 -1.36 -13.57 -11.71
N ASN A 172 -1.51 -13.76 -10.39
CA ASN A 172 -1.54 -15.07 -9.71
C ASN A 172 -2.76 -15.11 -8.78
N ASN A 173 -3.92 -14.72 -9.32
CA ASN A 173 -5.23 -14.77 -8.60
C ASN A 173 -5.57 -16.25 -8.37
N GLU A 174 -6.31 -16.55 -7.30
CA GLU A 174 -6.48 -17.95 -6.81
C GLU A 174 -7.74 -18.58 -7.42
N LEU A 175 -8.40 -17.93 -8.39
CA LEU A 175 -9.59 -18.46 -9.10
C LEU A 175 -9.37 -18.41 -10.61
N ILE A 176 -8.78 -17.33 -11.15
CA ILE A 176 -8.63 -17.15 -12.62
C ILE A 176 -7.18 -16.81 -12.99
N GLY A 177 -6.21 -17.04 -12.09
CA GLY A 177 -4.78 -16.82 -12.36
C GLY A 177 -4.54 -15.46 -13.02
N ASP A 178 -4.11 -15.43 -14.29
CA ASP A 178 -3.68 -14.17 -14.95
C ASP A 178 -4.81 -13.57 -15.79
N LYS A 179 -6.06 -13.99 -15.56
CA LYS A 179 -7.19 -13.52 -16.39
C LYS A 179 -7.72 -12.23 -15.76
N ALA A 180 -8.00 -11.25 -16.62
CA ALA A 180 -8.50 -9.91 -16.26
C ALA A 180 -10.02 -9.96 -16.27
N ILE A 181 -10.68 -9.21 -15.38
CA ILE A 181 -12.17 -9.04 -15.35
C ILE A 181 -12.66 -8.06 -16.44
N VAL A 182 -13.83 -8.36 -17.04
CA VAL A 182 -14.48 -7.49 -18.06
C VAL A 182 -15.50 -6.62 -17.33
N PRO A 183 -15.27 -5.29 -17.21
CA PRO A 183 -16.18 -4.45 -16.42
C PRO A 183 -17.42 -4.18 -17.26
N PRO A 184 -18.49 -3.71 -16.62
CA PRO A 184 -19.69 -3.28 -17.33
C PRO A 184 -19.35 -2.29 -18.44
N ALA A 185 -20.15 -2.29 -19.51
CA ALA A 185 -20.04 -1.34 -20.65
C ALA A 185 -20.71 0.00 -20.28
N SER A 186 -20.08 1.11 -20.68
CA SER A 186 -20.58 2.48 -20.45
C SER A 186 -20.51 3.29 -21.75
N THR A 187 -20.25 2.62 -22.88
CA THR A 187 -19.97 3.21 -24.21
C THR A 187 -20.46 2.23 -25.26
N VAL A 188 -20.99 2.71 -26.39
CA VAL A 188 -21.37 1.83 -27.54
C VAL A 188 -20.17 0.96 -27.85
N ASP A 189 -19.00 1.56 -27.99
CA ASP A 189 -17.75 0.85 -28.37
C ASP A 189 -17.43 -0.23 -27.33
N GLU A 190 -17.67 0.00 -26.04
CA GLU A 190 -17.40 -1.00 -24.96
C GLU A 190 -18.42 -2.14 -25.07
N VAL A 191 -19.62 -1.87 -25.60
CA VAL A 191 -20.66 -2.90 -25.90
C VAL A 191 -20.23 -3.70 -27.15
N LYS A 192 -19.65 -3.05 -28.18
CA LYS A 192 -19.23 -3.74 -29.43
C LYS A 192 -17.93 -4.53 -29.19
N GLN A 193 -16.92 -3.87 -28.59
CA GLN A 193 -15.67 -4.48 -28.07
C GLN A 193 -16.02 -5.73 -27.24
N ARG A 194 -16.93 -5.60 -26.27
CA ARG A 194 -17.33 -6.72 -25.37
C ARG A 194 -17.98 -7.82 -26.23
N GLU A 195 -19.14 -7.53 -26.84
CA GLU A 195 -19.85 -8.50 -27.70
C GLU A 195 -18.88 -9.25 -28.62
N GLU A 196 -17.88 -8.58 -29.20
CA GLU A 196 -17.02 -9.21 -30.23
C GLU A 196 -15.95 -10.09 -29.56
N ALA A 197 -15.52 -9.75 -28.34
CA ALA A 197 -14.66 -10.61 -27.50
C ALA A 197 -15.37 -11.96 -27.29
N LYS A 198 -16.68 -11.90 -27.01
CA LYS A 198 -17.55 -13.06 -26.66
C LYS A 198 -17.76 -13.97 -27.87
N ALA A 199 -17.90 -13.40 -29.07
CA ALA A 199 -18.08 -14.13 -30.35
C ALA A 199 -16.75 -14.77 -30.76
N LYS A 200 -15.64 -14.27 -30.19
CA LYS A 200 -14.26 -14.74 -30.45
C LYS A 200 -13.88 -15.87 -29.48
N GLY A 201 -14.75 -16.16 -28.49
CA GLY A 201 -14.57 -17.20 -27.46
C GLY A 201 -13.85 -16.69 -26.21
N GLU A 202 -13.39 -15.43 -26.23
CA GLU A 202 -12.39 -14.85 -25.29
C GLU A 202 -12.96 -14.75 -23.85
N ILE A 203 -14.28 -14.89 -23.66
CA ILE A 203 -14.96 -14.60 -22.36
C ILE A 203 -15.49 -15.90 -21.75
N GLU A 204 -15.34 -16.05 -20.42
CA GLU A 204 -16.01 -17.05 -19.55
C GLU A 204 -16.62 -16.30 -18.36
N SER A 205 -17.31 -16.98 -17.43
CA SER A 205 -18.06 -16.36 -16.32
C SER A 205 -18.46 -17.37 -15.22
N TYR A 206 -18.61 -16.87 -13.99
CA TYR A 206 -19.26 -17.52 -12.83
C TYR A 206 -20.72 -17.08 -12.70
N ASP A 207 -21.11 -16.00 -13.39
CA ASP A 207 -22.50 -15.47 -13.38
C ASP A 207 -22.53 -14.34 -14.41
N TRP A 208 -23.68 -13.68 -14.62
CA TRP A 208 -23.84 -12.61 -15.62
C TRP A 208 -22.96 -11.41 -15.23
N TRP A 209 -22.94 -11.06 -13.94
CA TRP A 209 -22.22 -9.89 -13.36
C TRP A 209 -20.73 -10.17 -13.12
N PHE A 210 -20.23 -11.40 -13.38
CA PHE A 210 -18.82 -11.84 -13.12
C PHE A 210 -18.24 -12.54 -14.36
N SER A 211 -17.74 -11.75 -15.29
CA SER A 211 -17.11 -12.26 -16.52
C SER A 211 -15.64 -11.81 -16.59
N TYR A 212 -14.81 -12.67 -17.18
CA TYR A 212 -13.33 -12.51 -17.24
C TYR A 212 -12.82 -13.18 -18.51
N LYS A 213 -11.67 -12.71 -19.00
CA LYS A 213 -10.99 -13.17 -20.24
C LYS A 213 -9.48 -13.20 -19.96
N LYS A 214 -8.65 -13.63 -20.94
CA LYS A 214 -7.16 -13.56 -20.87
C LYS A 214 -6.65 -12.53 -21.89
N LEU A 215 -5.43 -12.01 -21.69
CA LEU A 215 -4.82 -10.95 -22.53
C LEU A 215 -3.87 -11.62 -23.52
N VAL B 2 -7.24 11.82 8.04
CA VAL B 2 -6.49 11.07 9.11
C VAL B 2 -5.11 10.66 8.58
N VAL B 3 -4.15 10.49 9.48
CA VAL B 3 -2.74 10.13 9.14
C VAL B 3 -2.30 8.98 10.03
N ILE B 4 -1.20 8.32 9.64
CA ILE B 4 -0.45 7.39 10.53
C ILE B 4 -0.19 8.09 11.87
N GLY B 5 -0.36 7.35 12.97
CA GLY B 5 -0.05 7.80 14.35
C GLY B 5 -1.28 8.34 15.05
N GLU B 6 -2.36 8.60 14.29
CA GLU B 6 -3.62 9.18 14.79
C GLU B 6 -4.47 8.07 15.42
N LYS B 7 -5.13 8.39 16.52
CA LYS B 7 -6.25 7.61 17.10
C LYS B 7 -7.31 7.42 16.00
N PHE B 8 -7.71 6.17 15.74
CA PHE B 8 -8.89 5.81 14.92
C PHE B 8 -10.11 6.47 15.56
N PRO B 9 -10.99 7.11 14.76
CA PRO B 9 -12.08 7.91 15.31
C PRO B 9 -13.17 7.04 15.96
N GLU B 10 -13.55 7.40 17.18
CA GLU B 10 -14.67 6.80 17.94
C GLU B 10 -15.93 6.90 17.08
N VAL B 11 -16.69 5.82 16.92
CA VAL B 11 -17.64 5.64 15.79
C VAL B 11 -18.40 4.32 15.96
N GLU B 12 -19.73 4.35 15.91
CA GLU B 12 -20.61 3.14 15.90
C GLU B 12 -20.89 2.80 14.43
N VAL B 13 -20.88 1.52 14.02
CA VAL B 13 -21.05 1.09 12.60
C VAL B 13 -22.00 -0.10 12.52
N LYS B 14 -22.92 -0.10 11.56
CA LYS B 14 -23.82 -1.24 11.29
C LYS B 14 -22.97 -2.26 10.53
N THR B 15 -22.97 -3.53 10.95
CA THR B 15 -22.30 -4.64 10.22
C THR B 15 -23.26 -5.83 10.03
N THR B 16 -22.88 -6.78 9.15
CA THR B 16 -23.47 -8.11 8.93
C THR B 16 -23.52 -8.92 10.23
N HIS B 17 -22.51 -8.78 11.10
CA HIS B 17 -22.49 -9.44 12.45
C HIS B 17 -23.14 -8.52 13.51
N GLY B 18 -24.06 -7.63 13.12
CA GLY B 18 -24.69 -6.63 14.00
C GLY B 18 -23.79 -5.43 14.23
N VAL B 19 -24.22 -4.50 15.08
CA VAL B 19 -23.55 -3.19 15.30
C VAL B 19 -22.29 -3.38 16.16
N ILE B 20 -21.27 -2.49 16.03
CA ILE B 20 -20.08 -2.41 16.95
C ILE B 20 -19.53 -0.98 17.04
N LYS B 21 -18.94 -0.66 18.20
CA LYS B 21 -18.16 0.58 18.43
C LYS B 21 -16.72 0.33 17.95
N LEU B 22 -16.21 1.10 16.99
CA LEU B 22 -14.77 1.13 16.61
C LEU B 22 -14.09 2.32 17.28
N PRO B 23 -12.84 2.17 17.77
CA PRO B 23 -12.09 0.91 17.69
C PRO B 23 -12.30 -0.06 18.87
N ASP B 24 -13.05 0.38 19.88
CA ASP B 24 -13.28 -0.29 21.20
C ASP B 24 -13.62 -1.78 21.05
N TYR B 25 -14.50 -2.15 20.13
CA TYR B 25 -14.93 -3.55 19.95
C TYR B 25 -13.70 -4.47 19.87
N PHE B 26 -12.68 -4.09 19.07
CA PHE B 26 -11.46 -4.92 18.83
C PHE B 26 -10.40 -4.64 19.90
N ALA B 27 -10.20 -3.37 20.30
CA ALA B 27 -9.17 -2.93 21.27
C ALA B 27 -9.45 -3.50 22.68
N GLU B 28 -10.71 -3.80 23.01
CA GLU B 28 -11.11 -4.36 24.33
C GLU B 28 -10.90 -5.88 24.37
N GLN B 29 -10.68 -6.52 23.22
CA GLN B 29 -10.26 -7.94 23.08
C GLN B 29 -8.74 -8.03 22.89
N GLY B 30 -8.04 -6.91 22.94
CA GLY B 30 -6.59 -6.82 22.69
C GLY B 30 -6.26 -7.16 21.25
N LYS B 31 -7.22 -6.87 20.36
CA LYS B 31 -7.10 -7.19 18.93
C LYS B 31 -6.81 -5.89 18.16
N TRP B 32 -5.94 -6.03 17.19
CA TRP B 32 -5.78 -5.12 16.04
C TRP B 32 -6.90 -5.47 15.06
N PHE B 33 -7.27 -4.55 14.16
CA PHE B 33 -8.14 -4.87 13.00
C PHE B 33 -7.51 -4.30 11.73
N VAL B 34 -7.69 -5.05 10.64
CA VAL B 34 -7.46 -4.57 9.25
C VAL B 34 -8.83 -4.20 8.67
N LEU B 35 -9.19 -2.91 8.80
CA LEU B 35 -10.37 -2.26 8.16
C LEU B 35 -10.07 -2.04 6.67
N PHE B 36 -10.86 -2.62 5.78
CA PHE B 36 -10.67 -2.53 4.31
C PHE B 36 -12.02 -2.30 3.64
N SER B 37 -12.00 -1.56 2.54
CA SER B 37 -13.22 -1.20 1.80
C SER B 37 -13.11 -1.76 0.40
N HIS B 38 -14.27 -1.81 -0.26
CA HIS B 38 -14.41 -2.15 -1.69
C HIS B 38 -15.51 -1.26 -2.26
N PRO B 39 -15.48 -0.91 -3.56
CA PRO B 39 -16.45 0.08 -4.05
C PRO B 39 -17.93 -0.38 -3.91
N ALA B 40 -18.24 -1.62 -4.31
CA ALA B 40 -19.64 -2.11 -4.32
C ALA B 40 -19.69 -3.63 -4.12
N ASP B 41 -20.65 -4.11 -3.35
CA ASP B 41 -21.01 -5.55 -3.33
C ASP B 41 -21.33 -5.98 -4.78
N CYS B 42 -21.33 -7.29 -5.05
CA CYS B 42 -21.56 -8.00 -6.36
C CYS B 42 -20.78 -7.32 -7.50
N THR B 43 -19.50 -7.04 -7.27
CA THR B 43 -18.49 -6.70 -8.31
C THR B 43 -17.51 -7.86 -8.32
N PRO B 44 -16.93 -8.22 -9.48
CA PRO B 44 -16.03 -9.37 -9.53
C PRO B 44 -14.62 -9.22 -8.92
N VAL B 45 -13.96 -8.05 -9.05
CA VAL B 45 -12.64 -7.82 -8.37
C VAL B 45 -12.89 -7.93 -6.87
N SER B 46 -13.90 -7.24 -6.35
CA SER B 46 -14.23 -7.22 -4.91
C SER B 46 -14.47 -8.64 -4.43
N THR B 47 -15.16 -9.44 -5.25
CA THR B 47 -15.53 -10.84 -4.94
C THR B 47 -14.23 -11.63 -4.81
N THR B 48 -13.28 -11.48 -5.74
CA THR B 48 -11.97 -12.17 -5.75
C THR B 48 -11.23 -11.86 -4.46
N GLU B 49 -11.35 -10.61 -3.97
CA GLU B 49 -10.67 -10.13 -2.74
C GLU B 49 -11.39 -10.67 -1.51
N PHE B 50 -12.71 -10.87 -1.56
CA PHE B 50 -13.48 -11.44 -0.41
C PHE B 50 -13.17 -12.96 -0.31
N TYR B 51 -13.02 -13.63 -1.44
CA TYR B 51 -12.54 -15.03 -1.48
C TYR B 51 -11.15 -15.09 -0.82
N ALA B 52 -10.23 -14.30 -1.36
CA ALA B 52 -8.82 -14.19 -0.94
C ALA B 52 -8.73 -13.90 0.57
N MET B 53 -9.51 -12.96 1.07
CA MET B 53 -9.44 -12.58 2.51
C MET B 53 -9.90 -13.75 3.37
N GLN B 54 -10.97 -14.43 2.94
CA GLN B 54 -11.62 -15.55 3.67
C GLN B 54 -10.63 -16.72 3.78
N LYS B 55 -9.91 -17.02 2.70
CA LYS B 55 -8.90 -18.12 2.69
C LYS B 55 -7.75 -17.77 3.64
N ARG B 56 -7.55 -16.47 3.93
CA ARG B 56 -6.45 -15.93 4.76
C ARG B 56 -6.97 -15.47 6.10
N VAL B 57 -8.23 -15.72 6.44
CA VAL B 57 -8.85 -15.00 7.60
C VAL B 57 -8.17 -15.44 8.90
N ASP B 58 -7.67 -16.68 8.92
CA ASP B 58 -7.04 -17.34 10.10
C ASP B 58 -5.56 -16.93 10.20
N GLN B 59 -4.89 -16.69 9.07
CA GLN B 59 -3.52 -16.08 9.11
C GLN B 59 -3.56 -14.78 9.94
N PHE B 60 -4.58 -13.94 9.73
CA PHE B 60 -4.76 -12.65 10.45
C PHE B 60 -5.15 -12.92 11.89
N ARG B 61 -6.13 -13.81 12.08
CA ARG B 61 -6.70 -14.12 13.41
C ARG B 61 -5.61 -14.74 14.31
N GLU B 62 -4.85 -15.69 13.78
CA GLU B 62 -3.69 -16.28 14.50
C GLU B 62 -2.94 -15.13 15.19
N LEU B 63 -2.72 -14.02 14.47
CA LEU B 63 -1.83 -12.90 14.89
C LEU B 63 -2.59 -11.92 15.79
N GLY B 64 -3.86 -12.18 16.14
CA GLY B 64 -4.71 -11.23 16.90
C GLY B 64 -5.11 -10.01 16.09
N VAL B 65 -5.21 -10.18 14.76
CA VAL B 65 -5.64 -9.11 13.81
C VAL B 65 -6.99 -9.53 13.18
N GLU B 66 -8.11 -8.92 13.59
CA GLU B 66 -9.48 -9.21 13.05
C GLU B 66 -9.73 -8.41 11.77
N PRO B 67 -9.85 -9.06 10.60
CA PRO B 67 -10.32 -8.37 9.39
C PRO B 67 -11.74 -7.79 9.53
N ILE B 68 -12.07 -6.73 8.79
CA ILE B 68 -13.43 -6.11 8.80
C ILE B 68 -13.63 -5.28 7.52
N GLY B 69 -14.65 -5.65 6.75
CA GLY B 69 -14.94 -5.07 5.43
C GLY B 69 -15.77 -3.80 5.55
N LEU B 70 -15.82 -3.03 4.47
CA LEU B 70 -16.69 -1.82 4.43
C LEU B 70 -17.03 -1.51 2.97
N SER B 71 -18.27 -1.12 2.73
CA SER B 71 -18.74 -0.43 1.50
C SER B 71 -19.93 0.43 1.87
N VAL B 72 -20.32 1.32 0.97
CA VAL B 72 -21.52 2.17 1.17
C VAL B 72 -22.81 1.38 0.86
N ASP B 73 -22.72 0.13 0.40
CA ASP B 73 -23.89 -0.77 0.23
C ASP B 73 -24.52 -1.06 1.60
N GLN B 74 -25.74 -1.55 1.60
CA GLN B 74 -26.51 -1.67 2.86
C GLN B 74 -26.34 -3.09 3.39
N VAL B 75 -26.66 -3.31 4.65
CA VAL B 75 -26.53 -4.66 5.27
C VAL B 75 -27.27 -5.70 4.42
N PHE B 76 -28.51 -5.41 4.00
CA PHE B 76 -29.36 -6.27 3.12
C PHE B 76 -28.57 -6.68 1.86
N SER B 77 -27.96 -5.72 1.16
CA SER B 77 -27.10 -6.03 -0.01
C SER B 77 -25.95 -6.99 0.39
N HIS B 78 -25.33 -6.80 1.55
CA HIS B 78 -24.14 -7.58 2.01
C HIS B 78 -24.53 -9.04 2.21
N ILE B 79 -25.60 -9.25 2.97
CA ILE B 79 -26.14 -10.59 3.32
C ILE B 79 -26.36 -11.37 2.02
N LYS B 80 -26.88 -10.71 0.99
CA LYS B 80 -27.16 -11.30 -0.34
C LYS B 80 -25.86 -11.78 -1.00
N TRP B 81 -24.87 -10.87 -1.04
CA TRP B 81 -23.57 -11.09 -1.71
C TRP B 81 -22.73 -12.18 -1.03
N MET B 82 -22.61 -12.14 0.30
CA MET B 82 -21.87 -13.18 1.09
C MET B 82 -22.52 -14.55 0.81
N GLU B 83 -23.85 -14.61 0.92
CA GLU B 83 -24.65 -15.81 0.51
C GLU B 83 -24.18 -16.27 -0.87
N TRP B 84 -24.07 -15.39 -1.86
CA TRP B 84 -23.65 -15.82 -3.23
C TRP B 84 -22.30 -16.52 -3.19
N ILE B 85 -21.31 -15.94 -2.49
CA ILE B 85 -19.90 -16.44 -2.41
C ILE B 85 -19.90 -17.86 -1.81
N LYS B 86 -20.50 -18.02 -0.63
CA LYS B 86 -20.80 -19.32 0.06
C LYS B 86 -21.21 -20.37 -0.99
N GLU B 87 -22.33 -20.18 -1.68
CA GLU B 87 -23.00 -21.26 -2.45
C GLU B 87 -22.36 -21.38 -3.85
N ASN B 88 -21.42 -20.50 -4.20
CA ASN B 88 -20.84 -20.42 -5.57
C ASN B 88 -19.33 -20.71 -5.60
N LEU B 89 -18.61 -20.39 -4.52
CA LEU B 89 -17.13 -20.56 -4.45
C LEU B 89 -16.76 -21.44 -3.25
N GLY B 90 -17.74 -21.81 -2.42
CA GLY B 90 -17.61 -22.80 -1.33
C GLY B 90 -17.13 -22.18 -0.04
N GLU B 91 -16.80 -20.89 -0.06
CA GLU B 91 -16.33 -20.16 1.13
C GLU B 91 -17.49 -19.38 1.73
N GLU B 92 -17.86 -19.71 2.96
CA GLU B 92 -18.68 -18.82 3.80
C GLU B 92 -17.76 -17.66 4.19
N ILE B 93 -18.30 -16.45 4.28
CA ILE B 93 -17.54 -15.27 4.79
C ILE B 93 -17.80 -15.20 6.29
N THR B 94 -16.72 -15.15 7.10
CA THR B 94 -16.79 -15.31 8.59
C THR B 94 -16.40 -14.00 9.28
N PHE B 95 -16.01 -12.97 8.52
CA PHE B 95 -15.59 -11.65 9.06
C PHE B 95 -16.71 -10.65 8.85
N PRO B 96 -16.87 -9.72 9.81
CA PRO B 96 -17.89 -8.67 9.73
C PRO B 96 -17.66 -7.69 8.58
N VAL B 97 -18.72 -7.25 7.90
CA VAL B 97 -18.64 -6.25 6.80
C VAL B 97 -19.48 -5.04 7.19
N ILE B 98 -18.92 -3.84 7.10
CA ILE B 98 -19.62 -2.58 7.49
C ILE B 98 -20.54 -2.17 6.32
N ALA B 99 -21.72 -1.67 6.67
CA ALA B 99 -22.68 -0.97 5.80
C ALA B 99 -22.54 0.49 6.18
N ASP B 100 -21.71 1.22 5.43
CA ASP B 100 -21.33 2.60 5.80
C ASP B 100 -22.39 3.54 5.21
N ASP B 101 -23.61 3.43 5.75
CA ASP B 101 -24.75 4.34 5.45
C ASP B 101 -24.15 5.73 5.24
N ARG B 102 -24.42 6.33 4.08
CA ARG B 102 -24.19 7.77 3.84
C ARG B 102 -22.69 8.07 3.76
N GLY B 103 -21.83 7.03 3.70
CA GLY B 103 -20.37 7.17 3.52
C GLY B 103 -19.70 8.05 4.56
N GLU B 104 -20.24 8.14 5.78
CA GLU B 104 -19.73 9.10 6.82
C GLU B 104 -18.35 8.65 7.30
N LEU B 105 -18.16 7.39 7.66
CA LEU B 105 -16.82 6.88 8.02
C LEU B 105 -15.88 6.93 6.81
N ALA B 106 -16.35 6.55 5.62
CA ALA B 106 -15.48 6.56 4.41
C ALA B 106 -14.88 7.97 4.22
N ASP B 107 -15.66 9.05 4.36
CA ASP B 107 -15.18 10.46 4.25
C ASP B 107 -14.18 10.79 5.35
N LYS B 108 -14.44 10.38 6.58
CA LYS B 108 -13.51 10.64 7.70
C LYS B 108 -12.15 10.07 7.33
N LEU B 109 -12.09 8.89 6.70
CA LEU B 109 -10.83 8.15 6.43
C LEU B 109 -10.30 8.39 5.01
N GLY B 110 -10.88 9.31 4.23
CA GLY B 110 -10.38 9.66 2.87
C GLY B 110 -10.49 8.50 1.88
N MET B 111 -11.51 7.65 2.02
CA MET B 111 -11.73 6.40 1.24
C MET B 111 -12.45 6.68 -0.09
N ILE B 112 -13.05 7.86 -0.24
CA ILE B 112 -13.84 8.22 -1.45
C ILE B 112 -12.91 8.89 -2.45
N PRO B 113 -12.75 8.33 -3.67
CA PRO B 113 -11.95 8.95 -4.72
C PRO B 113 -12.73 10.09 -5.38
N SER B 114 -12.07 10.88 -6.23
CA SER B 114 -12.56 12.18 -6.79
C SER B 114 -13.91 12.02 -7.51
N GLY B 115 -14.91 12.85 -7.16
CA GLY B 115 -16.24 12.87 -7.80
C GLY B 115 -16.89 11.50 -7.84
N ALA B 116 -16.95 10.82 -6.68
CA ALA B 116 -17.66 9.55 -6.47
C ALA B 116 -18.38 9.61 -5.11
N THR B 117 -19.34 8.72 -4.89
CA THR B 117 -20.02 8.53 -3.59
C THR B 117 -19.71 7.13 -3.01
N ILE B 118 -19.07 6.25 -3.79
CA ILE B 118 -18.61 4.89 -3.36
C ILE B 118 -17.11 4.94 -3.02
N THR B 119 -16.61 4.03 -2.18
CA THR B 119 -15.18 3.97 -1.74
C THR B 119 -14.31 3.42 -2.87
N ALA B 120 -13.00 3.61 -2.75
CA ALA B 120 -12.02 2.81 -3.52
C ALA B 120 -11.64 1.58 -2.68
N ARG B 121 -10.45 1.03 -2.90
CA ARG B 121 -9.96 -0.19 -2.18
C ARG B 121 -8.98 0.25 -1.09
N ALA B 122 -9.51 0.68 0.04
CA ALA B 122 -8.73 1.30 1.13
C ALA B 122 -8.33 0.20 2.12
N VAL B 123 -7.20 0.35 2.80
CA VAL B 123 -6.82 -0.52 3.95
C VAL B 123 -6.21 0.32 5.07
N PHE B 124 -6.73 0.10 6.28
CA PHE B 124 -6.23 0.68 7.55
C PHE B 124 -5.81 -0.46 8.47
N ILE B 125 -4.57 -0.42 8.96
CA ILE B 125 -4.09 -1.27 10.09
C ILE B 125 -4.26 -0.45 11.35
N VAL B 126 -5.10 -0.91 12.25
CA VAL B 126 -5.31 -0.23 13.54
C VAL B 126 -4.86 -1.21 14.61
N ASP B 127 -4.16 -0.70 15.63
CA ASP B 127 -3.55 -1.53 16.70
C ASP B 127 -4.51 -1.57 17.90
N ASP B 128 -4.10 -2.27 18.95
CA ASP B 128 -4.92 -2.55 20.16
C ASP B 128 -5.00 -1.31 21.05
N LYS B 129 -4.24 -0.25 20.72
CA LYS B 129 -4.34 1.09 21.37
C LYS B 129 -5.33 1.94 20.56
N GLY B 130 -5.78 1.43 19.41
CA GLY B 130 -6.66 2.15 18.47
C GLY B 130 -5.88 3.18 17.64
N ILE B 131 -4.58 2.97 17.45
CA ILE B 131 -3.71 3.89 16.64
C ILE B 131 -3.65 3.33 15.22
N ILE B 132 -3.79 4.19 14.22
CA ILE B 132 -3.65 3.83 12.78
C ILE B 132 -2.15 3.67 12.50
N ARG B 133 -1.74 2.52 11.98
CA ARG B 133 -0.30 2.18 11.84
C ARG B 133 0.13 2.23 10.37
N ALA B 134 -0.81 2.09 9.44
CA ALA B 134 -0.52 2.04 7.98
C ALA B 134 -1.82 2.22 7.19
N ILE B 135 -1.72 2.86 6.03
CA ILE B 135 -2.87 3.20 5.15
C ILE B 135 -2.49 2.86 3.70
N VAL B 136 -3.40 2.19 3.00
CA VAL B 136 -3.26 1.89 1.54
C VAL B 136 -4.55 2.37 0.87
N TYR B 137 -4.39 2.99 -0.30
CA TYR B 137 -5.51 3.40 -1.19
C TYR B 137 -5.24 2.84 -2.58
N TYR B 138 -5.81 1.69 -2.89
CA TYR B 138 -5.83 1.13 -4.28
C TYR B 138 -7.13 1.57 -4.94
N PRO B 139 -7.14 1.74 -6.28
CA PRO B 139 -8.35 2.15 -6.97
C PRO B 139 -9.28 0.99 -7.32
N ALA B 140 -10.48 1.29 -7.82
CA ALA B 140 -11.47 0.26 -8.21
C ALA B 140 -10.86 -0.72 -9.22
N GLU B 141 -10.03 -0.25 -10.16
CA GLU B 141 -9.60 -1.09 -11.32
C GLU B 141 -8.53 -2.14 -10.93
N VAL B 142 -7.92 -2.08 -9.73
CA VAL B 142 -6.78 -2.97 -9.36
C VAL B 142 -6.98 -3.50 -7.96
N GLY B 143 -7.30 -4.78 -7.85
CA GLY B 143 -7.46 -5.47 -6.56
C GLY B 143 -6.12 -5.53 -5.87
N ARG B 144 -6.17 -5.71 -4.56
CA ARG B 144 -5.00 -5.73 -3.67
C ARG B 144 -4.34 -7.11 -3.75
N ASP B 145 -3.31 -7.31 -2.93
CA ASP B 145 -2.66 -8.61 -2.61
C ASP B 145 -2.56 -8.68 -1.10
N TRP B 146 -3.44 -9.47 -0.50
CA TRP B 146 -3.54 -9.59 0.98
C TRP B 146 -2.26 -10.17 1.59
N ASP B 147 -1.39 -10.84 0.82
CA ASP B 147 -0.10 -11.41 1.31
C ASP B 147 0.89 -10.27 1.58
N GLU B 148 0.85 -9.18 0.80
CA GLU B 148 1.60 -7.94 1.15
C GLU B 148 1.01 -7.29 2.40
N ILE B 149 -0.31 -7.28 2.59
CA ILE B 149 -0.89 -6.70 3.84
C ILE B 149 -0.56 -7.63 5.02
N LEU B 150 -0.46 -8.95 4.79
CA LEU B 150 -0.09 -9.96 5.84
C LEU B 150 1.37 -9.71 6.30
N ARG B 151 2.27 -9.49 5.34
CA ARG B 151 3.72 -9.16 5.55
C ARG B 151 3.82 -7.84 6.34
N LEU B 152 3.08 -6.82 5.91
CA LEU B 152 3.01 -5.54 6.62
C LEU B 152 2.60 -5.76 8.07
N VAL B 153 1.53 -6.52 8.37
CA VAL B 153 1.05 -6.60 9.79
C VAL B 153 1.91 -7.61 10.57
N LYS B 154 2.49 -8.62 9.94
CA LYS B 154 3.55 -9.43 10.61
C LYS B 154 4.64 -8.47 11.07
N ALA B 155 5.12 -7.62 10.15
CA ALA B 155 6.26 -6.71 10.37
C ALA B 155 5.91 -5.72 11.49
N LEU B 156 4.72 -5.11 11.45
CA LEU B 156 4.26 -4.18 12.52
C LEU B 156 4.30 -4.90 13.87
N LYS B 157 3.79 -6.12 13.93
CA LYS B 157 3.69 -6.92 15.18
C LYS B 157 5.12 -7.15 15.73
N VAL B 158 6.03 -7.65 14.88
CA VAL B 158 7.45 -7.94 15.26
C VAL B 158 8.16 -6.64 15.65
N SER B 159 7.88 -5.53 14.96
CA SER B 159 8.47 -4.21 15.29
C SER B 159 8.10 -3.87 16.73
N ASP B 160 6.82 -3.96 17.07
CA ASP B 160 6.34 -3.58 18.42
C ASP B 160 6.93 -4.56 19.44
N GLU B 161 7.17 -5.81 19.07
CA GLU B 161 7.34 -6.86 20.10
C GLU B 161 8.84 -7.05 20.39
N LYS B 162 9.71 -6.79 19.41
CA LYS B 162 11.18 -6.94 19.53
C LYS B 162 11.89 -5.57 19.48
N GLY B 163 11.17 -4.46 19.46
CA GLY B 163 11.74 -3.11 19.33
C GLY B 163 12.73 -2.99 18.16
N VAL B 164 12.33 -3.37 16.97
CA VAL B 164 13.20 -3.35 15.75
C VAL B 164 12.46 -2.63 14.61
N ALA B 165 13.16 -2.31 13.52
CA ALA B 165 12.59 -1.82 12.24
C ALA B 165 12.85 -2.86 11.16
N LEU B 166 11.92 -3.04 10.21
CA LEU B 166 12.06 -4.15 9.24
C LEU B 166 12.51 -3.57 7.90
N PRO B 167 13.55 -4.17 7.27
CA PRO B 167 14.08 -3.66 6.01
C PRO B 167 13.16 -4.02 4.84
N HIS B 168 13.48 -3.50 3.65
CA HIS B 168 12.70 -3.74 2.42
C HIS B 168 12.42 -5.26 2.26
N LYS B 169 11.17 -5.61 1.95
CA LYS B 169 10.69 -6.97 1.60
C LYS B 169 10.97 -8.00 2.70
N TRP B 170 11.20 -7.57 3.94
CA TRP B 170 11.36 -8.47 5.11
C TRP B 170 10.17 -9.44 5.17
N PRO B 171 10.36 -10.78 5.42
CA PRO B 171 11.60 -11.39 5.88
C PRO B 171 12.48 -11.97 4.78
N ASN B 172 12.43 -11.36 3.59
CA ASN B 172 13.25 -11.71 2.39
C ASN B 172 13.93 -10.44 1.86
N ASN B 173 14.56 -9.65 2.74
CA ASN B 173 15.37 -8.47 2.32
C ASN B 173 16.56 -8.99 1.51
N GLU B 174 16.92 -8.29 0.44
CA GLU B 174 18.01 -8.69 -0.48
C GLU B 174 19.36 -8.74 0.28
N LEU B 175 19.55 -7.94 1.32
CA LEU B 175 20.88 -7.74 1.96
C LEU B 175 20.99 -8.59 3.22
N ILE B 176 19.99 -8.56 4.09
CA ILE B 176 20.14 -9.18 5.44
C ILE B 176 19.09 -10.27 5.68
N GLY B 177 18.24 -10.60 4.70
CA GLY B 177 17.22 -11.69 4.79
C GLY B 177 16.10 -11.37 5.77
N ASP B 178 15.95 -12.17 6.82
CA ASP B 178 14.91 -12.01 7.86
C ASP B 178 15.46 -11.23 9.04
N LYS B 179 16.67 -10.66 8.92
CA LYS B 179 17.30 -9.93 10.04
C LYS B 179 16.60 -8.57 10.13
N ALA B 180 16.65 -7.94 11.31
CA ALA B 180 15.88 -6.73 11.67
C ALA B 180 16.85 -5.61 12.02
N ILE B 181 16.48 -4.36 11.73
CA ILE B 181 17.32 -3.16 12.02
C ILE B 181 17.19 -2.80 13.50
N VAL B 182 18.32 -2.68 14.18
CA VAL B 182 18.37 -2.20 15.59
C VAL B 182 18.30 -0.68 15.54
N PRO B 183 17.26 -0.07 16.17
CA PRO B 183 17.10 1.38 16.14
C PRO B 183 18.20 2.01 16.97
N PRO B 184 18.43 3.34 16.85
CA PRO B 184 19.46 4.02 17.63
C PRO B 184 19.15 4.01 19.12
N ALA B 185 20.19 4.13 19.96
CA ALA B 185 20.08 4.27 21.43
C ALA B 185 19.43 5.61 21.77
N SER B 186 18.36 5.57 22.56
CA SER B 186 17.63 6.76 23.08
C SER B 186 18.01 7.02 24.54
N THR B 187 18.78 6.12 25.18
CA THR B 187 19.38 6.36 26.52
C THR B 187 20.84 5.92 26.57
N VAL B 188 21.58 6.49 27.53
CA VAL B 188 23.01 6.20 27.83
C VAL B 188 23.12 4.70 28.18
N ASP B 189 22.15 4.14 28.91
CA ASP B 189 22.05 2.68 29.25
C ASP B 189 21.98 1.82 28.00
N GLU B 190 21.21 2.25 27.01
CA GLU B 190 21.07 1.58 25.69
C GLU B 190 22.34 1.73 24.86
N VAL B 191 23.11 2.81 25.06
CA VAL B 191 24.45 2.99 24.42
C VAL B 191 25.33 1.85 24.90
N LYS B 192 25.36 1.60 26.21
CA LYS B 192 26.23 0.55 26.82
C LYS B 192 25.78 -0.83 26.32
N GLN B 193 24.46 -1.07 26.22
CA GLN B 193 23.91 -2.41 25.83
C GLN B 193 24.20 -2.72 24.36
N ARG B 194 24.11 -1.71 23.49
CA ARG B 194 24.44 -1.82 22.04
C ARG B 194 25.97 -2.01 21.91
N GLU B 195 26.78 -1.35 22.74
CA GLU B 195 28.25 -1.59 22.70
C GLU B 195 28.54 -3.04 23.10
N GLU B 196 27.89 -3.56 24.16
CA GLU B 196 28.00 -4.99 24.57
C GLU B 196 27.56 -5.92 23.43
N ALA B 197 26.39 -5.70 22.85
CA ALA B 197 25.84 -6.56 21.77
C ALA B 197 26.77 -6.55 20.55
N LYS B 198 27.36 -5.41 20.20
CA LYS B 198 28.34 -5.29 19.08
C LYS B 198 29.56 -6.18 19.38
N ALA B 199 30.09 -6.09 20.61
CA ALA B 199 31.29 -6.86 21.02
C ALA B 199 30.99 -8.36 20.93
N LYS B 200 29.79 -8.79 21.34
CA LYS B 200 29.36 -10.21 21.39
C LYS B 200 28.99 -10.72 19.99
N GLY B 201 28.82 -9.80 19.03
CA GLY B 201 28.24 -10.11 17.70
C GLY B 201 26.74 -10.43 17.79
N GLU B 202 26.07 -10.15 18.91
CA GLU B 202 24.60 -10.27 19.04
C GLU B 202 23.98 -9.35 17.97
N ILE B 203 24.62 -8.21 17.71
CA ILE B 203 24.29 -7.35 16.55
C ILE B 203 25.55 -7.25 15.70
N GLU B 204 25.30 -6.98 14.42
CA GLU B 204 26.27 -6.96 13.31
C GLU B 204 26.01 -5.66 12.56
N SER B 205 26.92 -5.19 11.75
CA SER B 205 26.74 -3.81 11.26
C SER B 205 27.56 -3.58 9.97
N TYR B 206 27.07 -2.68 9.11
CA TYR B 206 27.74 -2.24 7.85
C TYR B 206 28.48 -0.92 8.10
N ASP B 207 28.04 -0.17 9.12
CA ASP B 207 28.63 1.09 9.58
C ASP B 207 28.06 1.36 10.99
N TRP B 208 28.53 2.40 11.68
CA TRP B 208 28.14 2.67 13.11
C TRP B 208 26.63 2.94 13.21
N TRP B 209 26.04 3.52 12.16
CA TRP B 209 24.59 3.89 12.09
C TRP B 209 23.73 2.75 11.51
N PHE B 210 24.33 1.65 11.02
CA PHE B 210 23.64 0.56 10.30
C PHE B 210 23.90 -0.78 11.01
N SER B 211 23.05 -1.11 11.97
CA SER B 211 23.19 -2.33 12.80
C SER B 211 21.91 -3.16 12.66
N TYR B 212 22.07 -4.46 12.39
CA TYR B 212 20.99 -5.46 12.27
C TYR B 212 21.28 -6.66 13.19
N LYS B 213 20.27 -7.49 13.47
CA LYS B 213 20.43 -8.80 14.16
C LYS B 213 19.34 -9.82 13.75
N LYS B 214 19.62 -11.09 14.02
CA LYS B 214 18.68 -12.23 13.87
C LYS B 214 17.60 -12.08 14.95
N LEU B 215 16.39 -12.56 14.67
CA LEU B 215 15.26 -12.63 15.65
C LEU B 215 15.09 -14.08 16.09
O1 FL3 C . 22.39 12.35 5.64
C2 FL3 C . 23.38 12.18 6.34
C1 FL3 C . 24.04 10.81 6.42
C3 FL3 C . 23.95 13.31 7.11
C4 FL3 C . 23.40 14.61 6.99
C6 FL3 C . 23.93 15.66 7.69
C8 FL3 C . 25.03 15.47 8.56
C11 FL3 C . 25.60 16.54 9.29
C12 FL3 C . 26.66 16.31 10.12
C10 FL3 C . 27.22 15.02 10.24
C9 FL3 C . 26.69 13.98 9.56
C7 FL3 C . 25.59 14.17 8.69
C5 FL3 C . 25.02 13.11 7.94
O1 FL3 D . -24.56 -11.62 -7.16
C2 FL3 D . -25.06 -11.06 -6.21
C1 FL3 D . -24.19 -10.31 -5.23
C3 FL3 D . -26.53 -11.10 -6.00
C4 FL3 D . -27.22 -12.27 -5.57
C6 FL3 D . -28.57 -12.27 -5.42
C8 FL3 D . -29.34 -11.12 -5.71
C11 FL3 D . -30.76 -11.08 -5.55
C12 FL3 D . -31.46 -9.93 -5.82
C10 FL3 D . -30.79 -8.77 -6.25
C9 FL3 D . -29.44 -8.77 -6.41
C7 FL3 D . -28.68 -9.93 -6.14
C5 FL3 D . -27.27 -9.96 -6.29
#